data_3M5B
#
_entry.id   3M5B
#
_cell.length_a   49.076
_cell.length_b   32.809
_cell.length_c   69.425
_cell.angle_alpha   90.00
_cell.angle_beta   108.20
_cell.angle_gamma   90.00
#
_symmetry.space_group_name_H-M   'P 1 2 1'
#
loop_
_entity.id
_entity.type
_entity.pdbx_description
1 polymer 'Zinc finger and BTB domain-containing protein 32'
2 water water
#
_entity_poly.entity_id   1
_entity_poly.type   'polypeptide(L)'
_entity_poly.pdbx_seq_one_letter_code
;GSMSLPPIRLPSPYGSDRLVQLAARLRPALCDTLITVGSQEFPAHSLVLAGVSQQLGRRGQWALGEGISPSTFAQLLNFV
YGESVELQPGELRPLQEAARALGVQSLEEACWRARGDRA
;
_entity_poly.pdbx_strand_id   A,B
#
# COMPACT_ATOMS: atom_id res chain seq x y z
N PRO A 7 28.16 -27.12 15.62
CA PRO A 7 27.67 -26.09 14.68
C PRO A 7 28.57 -25.84 13.47
N ILE A 8 27.97 -25.26 12.44
CA ILE A 8 28.66 -24.78 11.25
C ILE A 8 29.15 -23.34 11.50
N ARG A 9 30.39 -23.03 11.16
CA ARG A 9 30.90 -21.65 11.28
C ARG A 9 31.23 -21.08 9.91
N LEU A 10 30.73 -19.85 9.65
CA LEU A 10 31.01 -19.08 8.42
C LEU A 10 31.96 -17.92 8.72
N PRO A 11 33.22 -17.97 8.24
CA PRO A 11 34.07 -16.78 8.52
C PRO A 11 33.72 -15.57 7.66
N SER A 12 33.78 -14.37 8.25
CA SER A 12 33.41 -13.16 7.57
C SER A 12 34.68 -12.53 7.05
N PRO A 13 34.72 -12.10 5.77
CA PRO A 13 35.92 -11.43 5.26
C PRO A 13 36.03 -9.95 5.63
N TYR A 14 35.19 -9.48 6.56
CA TYR A 14 35.18 -8.05 6.91
C TYR A 14 35.79 -7.76 8.29
N GLY A 15 36.18 -8.80 9.02
CA GLY A 15 36.74 -8.63 10.37
C GLY A 15 38.01 -7.80 10.55
N SER A 16 38.66 -7.41 9.46
CA SER A 16 39.90 -6.62 9.55
C SER A 16 39.85 -5.26 8.79
N ASP A 17 38.67 -4.80 8.36
CA ASP A 17 38.52 -3.45 7.83
C ASP A 17 38.41 -2.52 9.05
N ARG A 18 39.33 -1.57 9.19
CA ARG A 18 39.39 -0.77 10.44
C ARG A 18 38.12 0.03 10.70
N LEU A 19 37.54 0.61 9.64
CA LEU A 19 36.28 1.36 9.83
C LEU A 19 35.10 0.44 10.10
N VAL A 20 35.06 -0.74 9.46
CA VAL A 20 33.99 -1.70 9.80
C VAL A 20 34.09 -2.14 11.27
N GLN A 21 35.31 -2.44 11.75
CA GLN A 21 35.53 -2.75 13.18
C GLN A 21 35.02 -1.66 14.12
N LEU A 22 35.39 -0.40 13.83
CA LEU A 22 34.91 0.74 14.63
C LEU A 22 33.39 0.83 14.61
N ALA A 23 32.78 0.72 13.41
CA ALA A 23 31.31 0.75 13.31
C ALA A 23 30.62 -0.40 14.14
N ALA A 24 31.22 -1.59 14.16
CA ALA A 24 30.68 -2.72 14.89
C ALA A 24 30.69 -2.46 16.41
N ARG A 25 31.76 -1.79 16.89
CA ARG A 25 31.88 -1.43 18.32
C ARG A 25 30.87 -0.31 18.70
N LEU A 26 30.67 0.65 17.78
CA LEU A 26 29.73 1.77 18.01
C LEU A 26 28.24 1.46 18.03
N ARG A 27 27.77 0.62 17.10
CA ARG A 27 26.33 0.44 16.89
C ARG A 27 25.59 0.14 18.19
N PRO A 28 24.44 0.79 18.41
CA PRO A 28 23.72 1.69 17.49
C PRO A 28 24.17 3.18 17.39
N ALA A 29 25.25 3.61 18.07
CA ALA A 29 25.71 5.01 17.96
C ALA A 29 26.09 5.38 16.49
N LEU A 30 25.62 6.54 16.03
CA LEU A 30 25.87 7.10 14.63
C LEU A 30 25.14 6.39 13.50
N CYS A 31 24.32 5.40 13.86
CA CYS A 31 23.51 4.67 12.86
C CYS A 31 22.51 5.63 12.22
N ASP A 32 22.46 5.69 10.89
CA ASP A 32 21.48 6.53 10.15
C ASP A 32 20.33 5.74 9.47
N THR A 33 20.39 4.41 9.58
CA THR A 33 19.40 3.46 8.98
C THR A 33 18.73 2.65 10.09
N LEU A 34 17.42 2.39 9.90
CA LEU A 34 16.63 1.49 10.78
C LEU A 34 15.81 0.49 9.92
N ILE A 35 16.24 -0.77 9.88
CA ILE A 35 15.58 -1.80 9.07
C ILE A 35 14.63 -2.60 9.95
N THR A 36 13.40 -2.70 9.48
CA THR A 36 12.31 -3.21 10.28
C THR A 36 11.89 -4.61 9.69
N VAL A 37 11.85 -5.63 10.56
CA VAL A 37 11.59 -7.01 10.16
C VAL A 37 10.42 -7.57 11.01
N GLY A 38 9.23 -7.58 10.43
CA GLY A 38 7.98 -7.75 11.18
C GLY A 38 7.96 -6.71 12.25
N SER A 39 7.92 -7.18 13.48
CA SER A 39 7.88 -6.35 14.66
C SER A 39 9.27 -5.84 15.17
N GLN A 40 10.38 -6.48 14.74
CA GLN A 40 11.72 -6.22 15.33
C GLN A 40 12.50 -5.10 14.61
N GLU A 41 13.34 -4.36 15.32
CA GLU A 41 14.06 -3.18 14.78
C GLU A 41 15.59 -3.38 14.80
N PHE A 42 16.26 -3.10 13.66
CA PHE A 42 17.75 -3.24 13.52
C PHE A 42 18.41 -1.94 13.03
N PRO A 43 19.05 -1.21 13.96
CA PRO A 43 19.88 -0.04 13.55
C PRO A 43 21.12 -0.46 12.72
N ALA A 44 21.53 0.38 11.76
CA ALA A 44 22.74 0.13 10.94
C ALA A 44 23.29 1.42 10.34
N HIS A 45 24.54 1.35 9.85
CA HIS A 45 25.24 2.48 9.18
C HIS A 45 25.09 2.29 7.66
N SER A 46 24.37 3.20 6.97
CA SER A 46 24.14 3.07 5.53
C SER A 46 25.44 2.84 4.76
N LEU A 47 26.52 3.51 5.19
CA LEU A 47 27.85 3.40 4.56
C LEU A 47 28.44 1.98 4.62
N VAL A 48 28.36 1.37 5.79
CA VAL A 48 28.77 -0.05 5.93
C VAL A 48 27.97 -0.97 4.96
N LEU A 49 26.64 -0.83 4.95
CA LEU A 49 25.77 -1.60 4.04
C LEU A 49 26.11 -1.44 2.53
N ALA A 50 26.36 -0.20 2.13
CA ALA A 50 26.77 0.13 0.74
C ALA A 50 28.07 -0.59 0.34
N GLY A 51 28.94 -0.81 1.32
CA GLY A 51 30.21 -1.48 1.09
C GLY A 51 30.09 -2.97 0.76
N VAL A 52 28.94 -3.55 1.01
CA VAL A 52 28.71 -5.00 0.76
C VAL A 52 27.64 -5.24 -0.31
N SER A 53 26.73 -4.28 -0.51
CA SER A 53 25.60 -4.46 -1.42
C SER A 53 25.03 -3.11 -1.81
N GLN A 54 25.06 -2.76 -3.09
CA GLN A 54 24.47 -1.45 -3.50
C GLN A 54 23.00 -1.34 -3.08
N GLN A 55 22.23 -2.44 -3.26
CA GLN A 55 20.80 -2.51 -2.85
C GLN A 55 20.51 -2.08 -1.40
N LEU A 56 21.38 -2.47 -0.46
CA LEU A 56 21.20 -2.13 0.96
C LEU A 56 21.70 -0.75 1.40
N GLY A 57 22.55 -0.11 0.59
CA GLY A 57 23.11 1.24 0.92
C GLY A 57 22.11 2.38 0.78
N ARG A 58 21.22 2.52 1.75
CA ARG A 58 20.15 3.55 1.77
C ARG A 58 19.85 3.99 3.22
N ARG A 59 19.59 5.28 3.42
CA ARG A 59 19.47 5.81 4.79
C ARG A 59 17.99 5.81 5.24
N GLY A 60 17.72 6.07 6.51
CA GLY A 60 16.32 6.20 6.96
C GLY A 60 15.73 4.85 7.31
N GLN A 61 14.43 4.85 7.63
CA GLN A 61 13.69 3.64 8.05
C GLN A 61 13.04 2.92 6.88
N TRP A 62 13.19 1.59 6.84
CA TRP A 62 12.44 0.82 5.88
C TRP A 62 12.14 -0.64 6.31
N ALA A 63 11.09 -1.23 5.75
CA ALA A 63 10.63 -2.56 6.14
C ALA A 63 11.07 -3.65 5.16
N LEU A 64 11.59 -4.77 5.67
CA LEU A 64 11.99 -5.94 4.87
C LEU A 64 10.90 -6.97 4.93
N GLY A 65 10.33 -7.37 3.79
CA GLY A 65 9.14 -8.20 3.88
C GLY A 65 9.09 -9.60 3.32
N GLU A 66 10.21 -10.08 2.78
CA GLU A 66 10.18 -11.20 1.80
C GLU A 66 10.19 -12.63 2.38
N GLY A 67 9.39 -12.90 3.40
CA GLY A 67 9.63 -14.13 4.13
C GLY A 67 11.06 -14.27 4.67
N ILE A 68 11.67 -13.18 5.13
CA ILE A 68 12.97 -13.26 5.84
C ILE A 68 12.71 -13.07 7.35
N SER A 69 13.15 -13.99 8.21
CA SER A 69 12.84 -13.92 9.65
C SER A 69 13.76 -12.94 10.36
N PRO A 70 13.34 -12.38 11.51
CA PRO A 70 14.32 -11.58 12.27
C PRO A 70 15.55 -12.36 12.66
N SER A 71 15.40 -13.65 12.99
CA SER A 71 16.58 -14.46 13.36
C SER A 71 17.60 -14.56 12.22
N THR A 72 17.09 -14.76 11.00
CA THR A 72 17.98 -14.84 9.84
C THR A 72 18.60 -13.47 9.55
N PHE A 73 17.81 -12.40 9.58
CA PHE A 73 18.40 -11.07 9.29
C PHE A 73 19.51 -10.66 10.29
N ALA A 74 19.31 -10.99 11.57
CA ALA A 74 20.31 -10.71 12.62
C ALA A 74 21.66 -11.38 12.29
N GLN A 75 21.61 -12.62 11.83
CA GLN A 75 22.82 -13.34 11.38
C GLN A 75 23.53 -12.68 10.13
N LEU A 76 22.74 -12.29 9.15
CA LEU A 76 23.26 -11.60 7.95
C LEU A 76 23.94 -10.28 8.37
N LEU A 77 23.29 -9.51 9.24
CA LEU A 77 23.82 -8.22 9.72
C LEU A 77 25.12 -8.38 10.53
N ASN A 78 25.17 -9.34 11.45
CA ASN A 78 26.45 -9.64 12.12
C ASN A 78 27.57 -9.97 11.12
N PHE A 79 27.29 -10.80 10.12
CA PHE A 79 28.30 -11.18 9.08
C PHE A 79 28.88 -9.91 8.41
N VAL A 80 27.97 -9.02 8.01
CA VAL A 80 28.31 -7.74 7.34
C VAL A 80 29.22 -6.83 8.22
N TYR A 81 29.04 -6.90 9.54
CA TYR A 81 29.83 -6.13 10.53
C TYR A 81 31.13 -6.87 11.01
N GLY A 82 31.45 -8.02 10.38
CA GLY A 82 32.74 -8.66 10.56
C GLY A 82 32.74 -9.81 11.57
N GLU A 83 31.58 -10.23 12.05
CA GLU A 83 31.54 -11.35 12.97
C GLU A 83 31.32 -12.65 12.21
N SER A 84 32.07 -13.67 12.59
CA SER A 84 31.75 -15.00 12.08
C SER A 84 30.36 -15.39 12.57
N VAL A 85 29.67 -16.20 11.77
CA VAL A 85 28.35 -16.68 12.17
C VAL A 85 28.40 -18.19 12.45
N GLU A 86 27.71 -18.61 13.51
CA GLU A 86 27.58 -20.04 13.82
C GLU A 86 26.11 -20.46 13.76
N LEU A 87 25.85 -21.51 13.00
CA LEU A 87 24.50 -21.89 12.59
C LEU A 87 24.13 -23.36 12.90
N GLN A 88 22.86 -23.61 13.22
CA GLN A 88 22.33 -25.00 13.21
C GLN A 88 21.98 -25.43 11.75
N PRO A 89 21.95 -26.75 11.44
CA PRO A 89 21.82 -27.31 10.06
C PRO A 89 20.71 -26.72 9.17
N GLY A 90 19.53 -26.63 9.75
CA GLY A 90 18.38 -26.08 9.06
C GLY A 90 18.35 -24.56 8.95
N GLU A 91 19.37 -23.89 9.49
CA GLU A 91 19.50 -22.41 9.33
C GLU A 91 20.25 -21.94 8.07
N LEU A 92 21.06 -22.82 7.47
CA LEU A 92 21.87 -22.46 6.30
C LEU A 92 21.03 -22.00 5.07
N ARG A 93 20.06 -22.83 4.64
CA ARG A 93 19.26 -22.50 3.45
C ARG A 93 18.48 -21.14 3.56
N PRO A 94 17.74 -20.89 4.66
CA PRO A 94 17.13 -19.54 4.80
C PRO A 94 18.17 -18.36 4.73
N LEU A 95 19.38 -18.56 5.27
CA LEU A 95 20.43 -17.48 5.25
C LEU A 95 20.94 -17.23 3.82
N GLN A 96 21.16 -18.34 3.11
CA GLN A 96 21.55 -18.29 1.70
C GLN A 96 20.51 -17.55 0.86
N GLU A 97 19.23 -17.90 1.04
CA GLU A 97 18.13 -17.23 0.33
C GLU A 97 18.03 -15.72 0.67
N ALA A 98 18.22 -15.36 1.94
CA ALA A 98 18.26 -13.92 2.35
C ALA A 98 19.42 -13.21 1.69
N ALA A 99 20.62 -13.80 1.74
CA ALA A 99 21.78 -13.17 1.09
C ALA A 99 21.65 -12.99 -0.43
N ARG A 100 21.10 -13.99 -1.14
CA ARG A 100 20.68 -13.84 -2.57
C ARG A 100 19.72 -12.65 -2.83
N ALA A 101 18.63 -12.57 -2.07
CA ALA A 101 17.62 -11.55 -2.30
C ALA A 101 18.14 -10.13 -2.00
N LEU A 102 19.09 -9.98 -1.05
CA LEU A 102 19.57 -8.68 -0.63
C LEU A 102 20.91 -8.30 -1.31
N GLY A 103 21.35 -9.14 -2.25
CA GLY A 103 22.66 -8.97 -2.91
C GLY A 103 23.95 -9.02 -2.11
N VAL A 104 24.01 -9.79 -1.02
CA VAL A 104 25.27 -9.94 -0.28
C VAL A 104 26.01 -11.21 -0.79
N GLN A 105 26.79 -11.01 -1.86
CA GLN A 105 27.36 -12.09 -2.61
C GLN A 105 28.34 -12.94 -1.78
N SER A 106 29.16 -12.30 -0.95
CA SER A 106 30.14 -13.01 -0.10
C SER A 106 29.48 -14.03 0.86
N LEU A 107 28.32 -13.68 1.41
CA LEU A 107 27.56 -14.55 2.29
C LEU A 107 26.87 -15.66 1.49
N GLU A 108 26.24 -15.33 0.35
CA GLU A 108 25.60 -16.35 -0.47
C GLU A 108 26.58 -17.52 -0.77
N GLU A 109 27.79 -17.19 -1.17
CA GLU A 109 28.80 -18.18 -1.55
C GLU A 109 29.38 -18.98 -0.34
N ALA A 110 29.62 -18.29 0.78
CA ALA A 110 29.97 -19.00 2.03
C ALA A 110 28.91 -20.05 2.41
N CYS A 111 27.62 -19.70 2.26
CA CYS A 111 26.52 -20.64 2.62
C CYS A 111 26.53 -21.89 1.72
N TRP A 112 26.68 -21.64 0.42
CA TRP A 112 26.64 -22.71 -0.57
C TRP A 112 27.87 -23.64 -0.44
N ARG A 113 29.01 -23.06 -0.05
CA ARG A 113 30.21 -23.84 0.35
C ARG A 113 30.01 -24.79 1.56
N ALA A 114 29.41 -24.28 2.64
CA ALA A 114 29.17 -25.09 3.84
C ALA A 114 28.12 -26.18 3.66
N ARG A 115 27.33 -26.11 2.60
CA ARG A 115 26.20 -27.04 2.35
C ARG A 115 26.69 -28.37 1.73
N PRO B 7 -42.57 4.53 -15.38
CA PRO B 7 -41.72 4.14 -14.24
C PRO B 7 -41.59 5.20 -13.11
N ILE B 8 -40.96 4.78 -12.01
CA ILE B 8 -40.52 5.66 -10.90
C ILE B 8 -39.37 6.58 -11.33
N ARG B 9 -39.50 7.87 -11.03
CA ARG B 9 -38.44 8.85 -11.31
C ARG B 9 -38.09 9.61 -9.99
N LEU B 10 -36.80 9.71 -9.71
CA LEU B 10 -36.30 10.40 -8.51
C LEU B 10 -35.74 11.77 -8.91
N PRO B 11 -36.37 12.87 -8.44
CA PRO B 11 -35.78 14.19 -8.69
C PRO B 11 -34.47 14.40 -7.92
N SER B 12 -33.47 14.99 -8.57
CA SER B 12 -32.19 15.30 -7.89
C SER B 12 -32.24 16.75 -7.47
N PRO B 13 -31.76 17.08 -6.26
CA PRO B 13 -31.74 18.48 -5.83
C PRO B 13 -30.49 19.25 -6.27
N TYR B 14 -29.63 18.65 -7.06
CA TYR B 14 -28.28 19.23 -7.33
C TYR B 14 -28.18 19.96 -8.70
N GLY B 15 -29.26 19.90 -9.49
CA GLY B 15 -29.25 20.50 -10.85
C GLY B 15 -29.29 22.03 -10.98
N SER B 16 -29.41 22.73 -9.86
CA SER B 16 -29.38 24.21 -9.81
C SER B 16 -28.08 24.75 -9.25
N ASP B 17 -27.22 23.86 -8.77
CA ASP B 17 -25.95 24.18 -8.14
C ASP B 17 -24.94 24.63 -9.22
N ARG B 18 -24.44 25.87 -9.15
CA ARG B 18 -23.49 26.43 -10.13
C ARG B 18 -22.34 25.53 -10.52
N LEU B 19 -21.61 25.03 -9.53
CA LEU B 19 -20.43 24.21 -9.84
C LEU B 19 -20.71 22.72 -10.18
N VAL B 20 -21.84 22.19 -9.75
CA VAL B 20 -22.26 20.84 -10.15
C VAL B 20 -22.62 20.86 -11.63
N GLN B 21 -23.40 21.88 -12.05
CA GLN B 21 -23.72 22.08 -13.49
C GLN B 21 -22.48 22.17 -14.38
N LEU B 22 -21.51 23.00 -13.96
CA LEU B 22 -20.20 23.12 -14.62
C LEU B 22 -19.49 21.74 -14.70
N ALA B 23 -19.38 21.06 -13.56
CA ALA B 23 -18.75 19.73 -13.53
C ALA B 23 -19.45 18.73 -14.50
N ALA B 24 -20.77 18.81 -14.59
CA ALA B 24 -21.51 17.94 -15.54
C ALA B 24 -21.17 18.24 -17.01
N ARG B 25 -21.04 19.52 -17.32
CA ARG B 25 -20.68 19.97 -18.67
C ARG B 25 -19.23 19.60 -19.04
N LEU B 26 -18.31 19.69 -18.06
CA LEU B 26 -16.88 19.34 -18.25
C LEU B 26 -16.61 17.85 -18.45
N ARG B 27 -17.25 16.99 -17.64
CA ARG B 27 -16.88 15.57 -17.49
C ARG B 27 -16.67 14.89 -18.87
N PRO B 28 -15.55 14.15 -19.06
CA PRO B 28 -14.46 13.79 -18.12
C PRO B 28 -13.27 14.78 -17.93
N ALA B 29 -13.30 15.98 -18.56
CA ALA B 29 -12.29 17.01 -18.34
C ALA B 29 -12.19 17.46 -16.90
N LEU B 30 -10.96 17.66 -16.44
CA LEU B 30 -10.63 18.03 -15.01
C LEU B 30 -11.02 17.02 -13.92
N CYS B 31 -11.40 15.80 -14.29
CA CYS B 31 -11.67 14.74 -13.30
C CYS B 31 -10.38 14.25 -12.60
N ASP B 32 -10.32 14.40 -11.26
CA ASP B 32 -9.11 14.04 -10.50
C ASP B 32 -9.27 12.70 -9.75
N THR B 33 -10.42 12.05 -9.93
CA THR B 33 -10.78 10.72 -9.30
C THR B 33 -11.23 9.70 -10.40
N LEU B 34 -10.97 8.40 -10.17
CA LEU B 34 -11.42 7.36 -11.09
C LEU B 34 -11.86 6.20 -10.21
N ILE B 35 -13.19 5.97 -10.12
CA ILE B 35 -13.74 4.87 -9.26
C ILE B 35 -13.92 3.68 -10.18
N THR B 36 -13.49 2.47 -9.74
CA THR B 36 -13.72 1.27 -10.55
C THR B 36 -14.70 0.31 -9.79
N VAL B 37 -15.64 -0.29 -10.52
CA VAL B 37 -16.63 -1.24 -9.98
C VAL B 37 -16.53 -2.47 -10.90
N GLY B 38 -15.93 -3.54 -10.39
CA GLY B 38 -15.44 -4.59 -11.29
C GLY B 38 -14.47 -3.99 -12.32
N SER B 39 -14.69 -4.28 -13.61
CA SER B 39 -13.85 -3.69 -14.65
C SER B 39 -14.38 -2.39 -15.25
N GLN B 40 -15.56 -1.93 -14.81
CA GLN B 40 -16.07 -0.64 -15.31
C GLN B 40 -15.43 0.57 -14.58
N GLU B 41 -15.10 1.64 -15.32
CA GLU B 41 -14.42 2.82 -14.78
C GLU B 41 -15.34 4.04 -14.80
N PHE B 42 -15.22 4.88 -13.76
CA PHE B 42 -16.06 6.10 -13.63
C PHE B 42 -15.23 7.34 -13.24
N PRO B 43 -14.87 8.17 -14.23
CA PRO B 43 -14.20 9.47 -13.93
C PRO B 43 -15.11 10.40 -13.13
N ALA B 44 -14.55 11.14 -12.15
CA ALA B 44 -15.34 12.04 -11.27
C ALA B 44 -14.50 13.19 -10.72
N HIS B 45 -15.16 14.24 -10.21
CA HIS B 45 -14.47 15.41 -9.59
C HIS B 45 -14.58 15.23 -8.07
N SER B 46 -13.44 15.17 -7.38
CA SER B 46 -13.43 14.89 -5.93
C SER B 46 -14.19 15.92 -5.10
N LEU B 47 -14.16 17.19 -5.52
CA LEU B 47 -14.95 18.26 -4.83
C LEU B 47 -16.47 18.02 -4.83
N VAL B 48 -16.98 17.62 -5.99
CA VAL B 48 -18.41 17.25 -6.09
C VAL B 48 -18.72 16.07 -5.13
N LEU B 49 -17.94 15.00 -5.25
CA LEU B 49 -18.10 13.77 -4.39
C LEU B 49 -18.05 14.12 -2.86
N ALA B 50 -17.12 14.99 -2.45
CA ALA B 50 -16.95 15.41 -1.04
C ALA B 50 -18.15 16.18 -0.52
N GLY B 51 -18.83 16.88 -1.42
CA GLY B 51 -20.10 17.56 -1.10
C GLY B 51 -21.27 16.67 -0.74
N VAL B 52 -21.21 15.37 -1.05
CA VAL B 52 -22.29 14.42 -0.65
C VAL B 52 -21.85 13.29 0.33
N SER B 53 -20.53 13.01 0.41
CA SER B 53 -19.99 11.89 1.23
C SER B 53 -18.46 11.88 1.51
N GLN B 54 -18.10 11.93 2.80
CA GLN B 54 -16.74 11.63 3.29
C GLN B 54 -16.10 10.37 2.65
N GLN B 55 -16.88 9.32 2.51
CA GLN B 55 -16.42 8.05 1.98
C GLN B 55 -15.88 8.24 0.53
N LEU B 56 -16.64 9.00 -0.26
CA LEU B 56 -16.38 9.22 -1.67
C LEU B 56 -15.37 10.37 -1.97
N GLY B 57 -15.21 11.29 -1.03
CA GLY B 57 -14.30 12.46 -1.21
C GLY B 57 -12.83 12.09 -1.10
N ARG B 58 -12.30 11.41 -2.12
CA ARG B 58 -10.92 10.85 -2.15
C ARG B 58 -10.34 10.92 -3.59
N ARG B 59 -9.19 11.58 -3.77
CA ARG B 59 -8.52 11.72 -5.08
C ARG B 59 -7.90 10.41 -5.58
N GLY B 60 -7.55 10.35 -6.87
CA GLY B 60 -6.88 9.18 -7.47
C GLY B 60 -7.80 8.03 -7.88
N GLN B 61 -7.21 6.87 -8.16
CA GLN B 61 -7.93 5.66 -8.60
C GLN B 61 -8.14 4.65 -7.46
N TRP B 62 -9.39 4.22 -7.28
CA TRP B 62 -9.68 3.18 -6.26
C TRP B 62 -10.96 2.39 -6.53
N ALA B 63 -10.98 1.15 -6.03
CA ALA B 63 -12.03 0.20 -6.30
C ALA B 63 -13.17 0.28 -5.26
N LEU B 64 -14.41 0.20 -5.74
CA LEU B 64 -15.59 0.21 -4.86
C LEU B 64 -15.96 -1.24 -4.57
N GLY B 65 -16.26 -1.52 -3.31
CA GLY B 65 -16.76 -2.84 -2.97
C GLY B 65 -18.19 -2.81 -2.51
N GLU B 66 -18.38 -3.33 -1.29
CA GLU B 66 -19.62 -3.19 -0.54
C GLU B 66 -20.82 -3.81 -1.23
N GLY B 67 -20.56 -4.78 -2.11
CA GLY B 67 -21.61 -5.44 -2.91
C GLY B 67 -22.48 -4.56 -3.82
N ILE B 68 -21.92 -3.47 -4.35
CA ILE B 68 -22.66 -2.57 -5.29
C ILE B 68 -22.35 -2.87 -6.75
N SER B 69 -23.37 -3.08 -7.59
CA SER B 69 -23.16 -3.30 -9.03
C SER B 69 -22.79 -2.04 -9.83
N PRO B 70 -22.10 -2.22 -10.98
CA PRO B 70 -21.90 -1.07 -11.90
C PRO B 70 -23.17 -0.31 -12.31
N SER B 71 -24.28 -1.02 -12.56
CA SER B 71 -25.47 -0.28 -12.99
C SER B 71 -26.10 0.54 -11.84
N THR B 72 -26.13 -0.02 -10.63
CA THR B 72 -26.50 0.73 -9.43
C THR B 72 -25.58 1.96 -9.20
N PHE B 73 -24.25 1.81 -9.31
CA PHE B 73 -23.35 2.95 -9.04
C PHE B 73 -23.53 4.07 -10.08
N ALA B 74 -23.70 3.67 -11.34
CA ALA B 74 -23.97 4.61 -12.41
C ALA B 74 -25.21 5.50 -12.14
N GLN B 75 -26.28 4.93 -11.58
CA GLN B 75 -27.50 5.66 -11.16
C GLN B 75 -27.16 6.65 -10.04
N LEU B 76 -26.42 6.18 -9.03
CA LEU B 76 -25.99 7.04 -7.91
C LEU B 76 -25.18 8.25 -8.41
N LEU B 77 -24.21 8.00 -9.31
CA LEU B 77 -23.34 9.07 -9.85
C LEU B 77 -24.12 10.10 -10.68
N ASN B 78 -25.03 9.64 -11.55
CA ASN B 78 -25.98 10.54 -12.22
C ASN B 78 -26.77 11.47 -11.29
N PHE B 79 -27.34 10.92 -10.19
CA PHE B 79 -28.12 11.75 -9.19
C PHE B 79 -27.24 12.87 -8.57
N VAL B 80 -26.02 12.46 -8.19
CA VAL B 80 -24.99 13.35 -7.60
C VAL B 80 -24.59 14.50 -8.55
N TYR B 81 -24.59 14.20 -9.87
CA TYR B 81 -24.32 15.21 -10.90
C TYR B 81 -25.54 16.03 -11.38
N GLY B 82 -26.67 15.86 -10.69
CA GLY B 82 -27.84 16.71 -10.96
C GLY B 82 -28.92 16.09 -11.87
N GLU B 83 -28.72 14.86 -12.33
CA GLU B 83 -29.77 14.21 -13.17
C GLU B 83 -30.89 13.50 -12.38
N SER B 84 -32.14 13.65 -12.82
CA SER B 84 -33.23 12.81 -12.29
C SER B 84 -32.94 11.37 -12.74
N VAL B 85 -33.38 10.39 -11.95
CA VAL B 85 -33.05 8.99 -12.22
C VAL B 85 -34.38 8.22 -12.43
N GLU B 86 -34.53 7.64 -13.63
CA GLU B 86 -35.70 6.79 -14.03
C GLU B 86 -35.33 5.32 -13.65
N LEU B 87 -36.21 4.62 -12.92
CA LEU B 87 -35.94 3.32 -12.29
C LEU B 87 -37.04 2.23 -12.43
N GLN B 88 -36.68 0.96 -12.18
CA GLN B 88 -37.65 -0.15 -11.99
C GLN B 88 -37.93 -0.48 -10.52
N PRO B 89 -39.19 -0.87 -10.16
CA PRO B 89 -39.48 -1.29 -8.77
C PRO B 89 -38.40 -2.20 -8.18
N GLY B 90 -37.81 -3.04 -9.03
CA GLY B 90 -36.69 -3.94 -8.66
C GLY B 90 -35.37 -3.22 -8.37
N GLU B 91 -35.18 -2.07 -9.00
CA GLU B 91 -33.92 -1.32 -8.86
C GLU B 91 -33.81 -0.44 -7.63
N LEU B 92 -34.93 -0.25 -6.91
CA LEU B 92 -34.96 0.69 -5.77
C LEU B 92 -34.18 0.28 -4.54
N ARG B 93 -34.44 -0.94 -4.07
CA ARG B 93 -33.87 -1.43 -2.81
C ARG B 93 -32.31 -1.46 -2.87
N PRO B 94 -31.71 -1.97 -3.99
CA PRO B 94 -30.24 -1.89 -4.17
C PRO B 94 -29.70 -0.44 -4.11
N LEU B 95 -30.40 0.48 -4.76
CA LEU B 95 -29.97 1.90 -4.78
C LEU B 95 -30.00 2.52 -3.35
N GLN B 96 -31.05 2.21 -2.58
CA GLN B 96 -31.19 2.73 -1.21
C GLN B 96 -30.02 2.24 -0.34
N GLU B 97 -29.70 0.95 -0.48
CA GLU B 97 -28.62 0.27 0.26
C GLU B 97 -27.23 0.86 -0.11
N ALA B 98 -26.99 1.12 -1.39
CA ALA B 98 -25.72 1.76 -1.83
C ALA B 98 -25.62 3.19 -1.29
N ALA B 99 -26.69 3.97 -1.44
CA ALA B 99 -26.76 5.31 -0.82
C ALA B 99 -26.42 5.27 0.66
N ARG B 100 -27.03 4.34 1.40
CA ARG B 100 -26.74 4.26 2.83
C ARG B 100 -25.28 3.85 3.12
N ALA B 101 -24.75 2.86 2.40
CA ALA B 101 -23.32 2.40 2.56
C ALA B 101 -22.29 3.52 2.35
N LEU B 102 -22.56 4.38 1.34
CA LEU B 102 -21.68 5.50 0.94
C LEU B 102 -21.99 6.86 1.58
N GLY B 103 -23.05 6.95 2.39
CA GLY B 103 -23.32 8.19 3.12
C GLY B 103 -24.03 9.24 2.29
N VAL B 104 -24.72 8.84 1.23
CA VAL B 104 -25.42 9.82 0.39
C VAL B 104 -26.85 10.04 0.91
N GLN B 105 -26.99 10.94 1.88
CA GLN B 105 -28.27 11.08 2.56
C GLN B 105 -29.47 11.48 1.68
N SER B 106 -29.26 12.39 0.71
CA SER B 106 -30.38 12.86 -0.13
C SER B 106 -30.96 11.74 -0.98
N LEU B 107 -30.09 10.86 -1.48
CA LEU B 107 -30.50 9.78 -2.35
C LEU B 107 -31.20 8.69 -1.52
N GLU B 108 -30.63 8.30 -0.37
CA GLU B 108 -31.28 7.35 0.54
C GLU B 108 -32.73 7.85 0.86
N GLU B 109 -32.89 9.11 1.27
CA GLU B 109 -34.25 9.73 1.46
C GLU B 109 -35.18 9.62 0.26
N ALA B 110 -34.72 10.03 -0.94
CA ALA B 110 -35.54 9.89 -2.17
C ALA B 110 -36.02 8.47 -2.43
N CYS B 111 -35.10 7.49 -2.29
CA CYS B 111 -35.49 6.06 -2.46
C CYS B 111 -36.58 5.65 -1.43
N TRP B 112 -36.31 5.93 -0.15
CA TRP B 112 -37.25 5.61 0.93
C TRP B 112 -38.66 6.20 0.62
N ARG B 113 -38.71 7.48 0.24
CA ARG B 113 -39.95 8.16 -0.18
C ARG B 113 -40.66 7.56 -1.40
N ALA B 114 -39.91 6.94 -2.30
CA ALA B 114 -40.51 6.28 -3.46
C ALA B 114 -41.12 4.89 -3.15
N ARG B 115 -40.78 4.32 -1.99
CA ARG B 115 -41.19 2.94 -1.65
C ARG B 115 -42.68 2.85 -1.29
#